data_3HEM
#
_entry.id   3HEM
#
_cell.length_a   106.857
_cell.length_b   106.857
_cell.length_c   224.979
_cell.angle_alpha   90.000
_cell.angle_beta   90.000
_cell.angle_gamma   90.000
#
_symmetry.space_group_name_H-M   'I 41 2 2'
#
loop_
_entity.id
_entity.type
_entity.pdbx_description
1 polymer 'Cyclopropane-fatty-acyl-phospholipid synthase 2'
2 non-polymer N-octyloctan-1-amine
3 non-polymer 'CARBONATE ION'
4 water water
#
_entity_poly.entity_id   1
_entity_poly.type   'polypeptide(L)'
_entity_poly.pdbx_seq_one_letter_code
;MTSQGDTTSGTQLKPPVEAVRSHYDKSNEFFKLWLDPSMTYSCAYFERPDMTLEEAQYAKRKLALDKLNLEPGMTLLDIG
CGWGSTMRHAVAEYDVNVIGLTLSENQYAHDKAMFDEVDSPRRKEVRIQGWEEFDEPVDRIVSLGAFEHFADGAGDAGFE
RYDTFFKKFYNLTPDDGRMLLHTITIPDKEEAQELGLTSPMSLLRFIKFILTEIFPGGRLPRISQVDYYSSNAGWKVERY
HRIGANYVPTLNAWADALQAHKDEAIALKGQETCDIYMHYLRGCSDLFRDKYTDVCQFTLVK
;
_entity_poly.pdbx_strand_id   A
#
# COMPACT_ATOMS: atom_id res chain seq x y z
N GLN A 12 -5.08 -9.18 22.73
CA GLN A 12 -5.05 -9.07 21.28
C GLN A 12 -3.80 -8.34 20.76
N LEU A 13 -3.87 -7.89 19.51
CA LEU A 13 -2.68 -7.52 18.74
C LEU A 13 -2.18 -6.08 18.88
N LYS A 14 -0.87 -5.92 18.79
CA LYS A 14 -0.26 -4.62 18.86
C LYS A 14 0.30 -4.18 17.51
N PRO A 15 -0.17 -3.03 17.02
CA PRO A 15 0.29 -2.45 15.75
C PRO A 15 1.75 -2.05 15.77
N PRO A 16 2.48 -2.39 14.68
CA PRO A 16 3.88 -2.08 14.43
C PRO A 16 4.13 -0.58 14.29
N VAL A 17 3.85 0.19 15.35
CA VAL A 17 3.92 1.65 15.23
C VAL A 17 5.32 2.15 14.89
N GLU A 18 6.30 1.84 15.75
CA GLU A 18 7.64 2.38 15.57
C GLU A 18 8.32 1.94 14.29
N ALA A 19 8.12 0.68 13.91
CA ALA A 19 8.64 0.19 12.64
C ALA A 19 8.10 1.04 11.48
N VAL A 20 6.80 1.26 11.46
CA VAL A 20 6.18 2.03 10.40
C VAL A 20 6.66 3.49 10.42
N ARG A 21 6.68 4.09 11.61
CA ARG A 21 7.05 5.49 11.74
C ARG A 21 8.47 5.79 11.27
N SER A 22 9.38 4.83 11.43
CA SER A 22 10.77 5.02 11.05
C SER A 22 10.91 5.28 9.55
N HIS A 23 9.97 4.75 8.76
CA HIS A 23 9.99 5.02 7.33
C HIS A 23 9.10 6.19 6.91
N TYR A 24 7.79 6.01 7.06
CA TYR A 24 6.82 6.97 6.56
C TYR A 24 6.83 8.35 7.23
N ASP A 25 7.42 8.44 8.42
CA ASP A 25 7.55 9.71 9.12
C ASP A 25 8.90 10.36 8.87
N LYS A 26 9.53 10.02 7.74
CA LYS A 26 10.86 10.55 7.42
C LYS A 26 10.81 12.06 7.11
N SER A 27 9.69 12.53 6.59
CA SER A 27 9.47 13.93 6.26
C SER A 27 8.58 14.07 5.04
N ASN A 28 7.44 14.72 5.26
CA ASN A 28 6.48 14.97 4.19
C ASN A 28 7.11 15.77 3.06
N GLU A 29 7.95 16.73 3.41
CA GLU A 29 8.64 17.50 2.39
C GLU A 29 9.60 16.63 1.59
N PHE A 30 10.29 15.73 2.30
CA PHE A 30 11.18 14.78 1.64
C PHE A 30 10.47 13.92 0.60
N PHE A 31 9.38 13.27 0.99
CA PHE A 31 8.60 12.48 0.06
C PHE A 31 7.98 13.35 -1.03
N LYS A 32 7.56 14.56 -0.66
CA LYS A 32 6.97 15.49 -1.62
C LYS A 32 7.89 15.63 -2.84
N LEU A 33 9.19 15.64 -2.60
CA LEU A 33 10.17 15.85 -3.67
C LEU A 33 10.06 14.88 -4.84
N TRP A 34 9.78 13.61 -4.55
CA TRP A 34 9.87 12.60 -5.60
C TRP A 34 8.62 11.75 -5.85
N LEU A 35 7.65 11.82 -4.96
CA LEU A 35 6.36 11.20 -5.22
C LEU A 35 5.66 12.03 -6.28
N ASP A 36 4.60 11.49 -6.87
CA ASP A 36 3.81 12.27 -7.79
C ASP A 36 3.14 13.42 -7.03
N PRO A 37 2.27 14.21 -7.70
CA PRO A 37 1.62 15.29 -6.95
C PRO A 37 0.55 14.79 -5.98
N SER A 38 -0.11 13.68 -6.30
CA SER A 38 -1.10 13.10 -5.40
C SER A 38 -0.41 12.41 -4.24
N MET A 39 0.92 12.34 -4.29
CA MET A 39 1.71 11.63 -3.29
C MET A 39 1.25 10.19 -3.06
N THR A 40 0.93 9.49 -4.14
CA THR A 40 0.53 8.09 -4.02
C THR A 40 1.77 7.21 -3.92
N TYR A 41 1.83 6.46 -2.83
CA TYR A 41 3.01 5.68 -2.51
C TYR A 41 2.72 4.20 -2.67
N SER A 42 2.45 3.80 -3.90
CA SER A 42 2.21 2.40 -4.21
C SER A 42 2.25 2.23 -5.71
N CYS A 43 2.26 0.98 -6.16
CA CYS A 43 2.38 0.68 -7.58
C CYS A 43 1.33 1.37 -8.43
N ALA A 44 1.78 2.09 -9.47
CA ALA A 44 0.84 2.78 -10.35
C ALA A 44 0.19 1.79 -11.28
N TYR A 45 -0.59 2.31 -12.23
CA TYR A 45 -1.26 1.48 -13.21
C TYR A 45 -1.26 2.21 -14.54
N PHE A 46 -0.33 1.83 -15.42
CA PHE A 46 -0.23 2.46 -16.74
C PHE A 46 -1.21 1.82 -17.70
N GLU A 47 -2.48 2.06 -17.40
CA GLU A 47 -3.61 1.56 -18.20
C GLU A 47 -3.49 1.96 -19.66
N ARG A 48 -2.86 3.11 -19.91
CA ARG A 48 -2.50 3.49 -21.26
C ARG A 48 -1.05 3.95 -21.27
N PRO A 49 -0.30 3.50 -22.28
CA PRO A 49 1.16 3.63 -22.40
C PRO A 49 1.66 5.05 -22.24
N ASP A 50 0.77 6.02 -22.37
CA ASP A 50 1.20 7.42 -22.40
C ASP A 50 0.88 8.22 -21.14
N MET A 51 0.34 7.57 -20.10
CA MET A 51 0.02 8.26 -18.87
C MET A 51 1.30 8.74 -18.19
N THR A 52 1.26 9.92 -17.58
CA THR A 52 2.35 10.33 -16.71
C THR A 52 2.23 9.45 -15.50
N LEU A 53 3.16 9.57 -14.56
CA LEU A 53 3.02 8.86 -13.30
C LEU A 53 1.72 9.27 -12.60
N GLU A 54 1.47 10.57 -12.53
CA GLU A 54 0.33 11.07 -11.79
C GLU A 54 -1.00 10.58 -12.35
N GLU A 55 -1.09 10.50 -13.67
CA GLU A 55 -2.31 10.00 -14.27
C GLU A 55 -2.44 8.52 -14.03
N ALA A 56 -1.29 7.86 -13.85
CA ALA A 56 -1.27 6.42 -13.66
C ALA A 56 -1.72 6.08 -12.24
N GLN A 57 -1.37 6.95 -11.30
CA GLN A 57 -1.82 6.81 -9.92
C GLN A 57 -3.33 6.98 -9.88
N TYR A 58 -3.85 7.95 -10.60
CA TYR A 58 -5.30 8.09 -10.67
C TYR A 58 -5.90 6.80 -11.23
N ALA A 59 -5.27 6.27 -12.29
CA ALA A 59 -5.78 5.09 -12.98
C ALA A 59 -5.79 3.91 -12.04
N LYS A 60 -4.76 3.85 -11.19
CA LYS A 60 -4.66 2.80 -10.21
C LYS A 60 -5.77 2.95 -9.15
N ARG A 61 -5.92 4.16 -8.61
CA ARG A 61 -6.95 4.40 -7.61
C ARG A 61 -8.30 4.03 -8.17
N LYS A 62 -8.57 4.56 -9.36
CA LYS A 62 -9.81 4.28 -10.06
C LYS A 62 -10.02 2.78 -10.17
N LEU A 63 -9.08 2.13 -10.87
CA LEU A 63 -9.09 0.68 -11.06
C LEU A 63 -9.52 -0.09 -9.81
N ALA A 64 -8.96 0.28 -8.66
CA ALA A 64 -9.31 -0.36 -7.40
C ALA A 64 -10.73 -0.04 -6.93
N LEU A 65 -11.04 1.25 -6.85
CA LEU A 65 -12.34 1.71 -6.34
C LEU A 65 -13.50 1.16 -7.18
N ASP A 66 -13.28 1.03 -8.48
CA ASP A 66 -14.29 0.49 -9.37
C ASP A 66 -14.72 -0.93 -8.97
N LYS A 67 -13.81 -1.66 -8.35
CA LYS A 67 -14.07 -3.06 -8.03
C LYS A 67 -14.97 -3.20 -6.80
N LEU A 68 -15.14 -2.09 -6.07
CA LEU A 68 -15.88 -2.09 -4.81
C LEU A 68 -17.39 -1.93 -4.99
N ASN A 69 -17.83 -1.63 -6.21
CA ASN A 69 -19.24 -1.42 -6.47
C ASN A 69 -19.80 -0.45 -5.44
N LEU A 70 -19.15 0.69 -5.35
CA LEU A 70 -19.51 1.71 -4.39
C LEU A 70 -20.79 2.40 -4.81
N GLU A 71 -21.63 2.74 -3.83
CA GLU A 71 -22.78 3.60 -4.08
C GLU A 71 -22.64 4.79 -3.15
N PRO A 72 -23.25 5.92 -3.52
CA PRO A 72 -23.09 7.12 -2.68
C PRO A 72 -23.71 6.89 -1.31
N GLY A 73 -23.15 7.53 -0.29
CA GLY A 73 -23.66 7.35 1.05
C GLY A 73 -22.98 6.22 1.79
N MET A 74 -22.50 5.22 1.06
CA MET A 74 -21.76 4.12 1.66
C MET A 74 -20.55 4.59 2.46
N THR A 75 -20.08 3.74 3.35
CA THR A 75 -18.86 4.06 4.08
C THR A 75 -17.68 3.17 3.65
N LEU A 76 -16.62 3.84 3.23
CA LEU A 76 -15.42 3.19 2.76
C LEU A 76 -14.33 3.31 3.81
N LEU A 77 -13.74 2.18 4.16
CA LEU A 77 -12.61 2.19 5.05
C LEU A 77 -11.36 1.98 4.23
N ASP A 78 -10.41 2.90 4.34
CA ASP A 78 -9.12 2.76 3.70
C ASP A 78 -8.03 2.46 4.73
N ILE A 79 -7.47 1.25 4.66
CA ILE A 79 -6.47 0.79 5.61
C ILE A 79 -5.05 1.08 5.15
N GLY A 80 -4.33 1.91 5.90
CA GLY A 80 -3.03 2.37 5.47
C GLY A 80 -3.23 3.36 4.36
N CYS A 81 -3.96 4.42 4.69
CA CYS A 81 -4.46 5.38 3.71
C CYS A 81 -3.37 6.33 3.20
N GLY A 82 -2.12 6.04 3.56
CA GLY A 82 -1.00 6.79 3.02
C GLY A 82 -1.22 8.28 3.12
N TRP A 83 -1.09 8.98 2.00
CA TRP A 83 -1.24 10.42 1.98
C TRP A 83 -2.58 10.90 1.45
N GLY A 84 -3.58 10.03 1.51
CA GLY A 84 -4.96 10.45 1.30
C GLY A 84 -5.54 10.33 -0.09
N SER A 85 -4.68 10.37 -1.10
CA SER A 85 -5.12 10.29 -2.50
C SER A 85 -6.30 9.36 -2.75
N THR A 86 -6.29 8.21 -2.11
CA THR A 86 -7.35 7.24 -2.32
C THR A 86 -8.64 7.68 -1.67
N MET A 87 -8.54 8.19 -0.44
CA MET A 87 -9.71 8.68 0.27
C MET A 87 -10.27 9.84 -0.50
N ARG A 88 -9.41 10.82 -0.76
CA ARG A 88 -9.82 12.08 -1.36
C ARG A 88 -10.45 11.83 -2.73
N HIS A 89 -10.04 10.75 -3.38
CA HIS A 89 -10.52 10.37 -4.70
C HIS A 89 -11.86 9.65 -4.56
N ALA A 90 -12.00 8.90 -3.47
CA ALA A 90 -13.19 8.08 -3.26
C ALA A 90 -14.40 8.93 -2.97
N VAL A 91 -14.19 10.05 -2.29
CA VAL A 91 -15.26 11.00 -2.04
C VAL A 91 -15.62 11.73 -3.32
N ALA A 92 -14.60 12.30 -3.98
CA ALA A 92 -14.82 13.10 -5.19
C ALA A 92 -15.53 12.33 -6.28
N GLU A 93 -15.14 11.08 -6.51
CA GLU A 93 -15.64 10.38 -7.68
C GLU A 93 -16.75 9.39 -7.39
N TYR A 94 -17.09 9.20 -6.12
CA TYR A 94 -18.07 8.18 -5.75
C TYR A 94 -19.07 8.67 -4.72
N ASP A 95 -18.70 9.74 -4.01
CA ASP A 95 -19.58 10.37 -3.03
C ASP A 95 -19.87 9.41 -1.89
N VAL A 96 -18.82 8.83 -1.33
CA VAL A 96 -18.97 7.99 -0.15
C VAL A 96 -18.33 8.71 1.02
N ASN A 97 -18.72 8.33 2.22
CA ASN A 97 -18.02 8.76 3.42
C ASN A 97 -16.79 7.88 3.57
N VAL A 98 -15.68 8.44 4.03
CA VAL A 98 -14.45 7.68 4.14
C VAL A 98 -13.83 7.72 5.54
N ILE A 99 -13.33 6.56 6.00
CA ILE A 99 -12.44 6.49 7.16
C ILE A 99 -11.07 5.96 6.76
N GLY A 100 -10.02 6.70 7.10
CA GLY A 100 -8.67 6.29 6.77
C GLY A 100 -7.87 5.90 8.01
N LEU A 101 -7.19 4.76 7.94
CA LEU A 101 -6.35 4.30 9.02
C LEU A 101 -4.88 4.47 8.64
N THR A 102 -4.10 5.05 9.55
CA THR A 102 -2.65 5.18 9.35
C THR A 102 -1.95 5.19 10.70
N LEU A 103 -0.64 4.95 10.70
CA LEU A 103 0.12 4.98 11.94
C LEU A 103 1.17 6.06 11.87
N SER A 104 1.22 6.75 10.74
CA SER A 104 2.18 7.84 10.55
C SER A 104 1.61 9.16 11.05
N GLU A 105 2.41 9.89 11.81
CA GLU A 105 1.99 11.20 12.28
C GLU A 105 1.96 12.16 11.10
N ASN A 106 3.03 12.12 10.30
CA ASN A 106 3.12 12.97 9.12
C ASN A 106 1.98 12.76 8.14
N GLN A 107 1.68 11.51 7.82
CA GLN A 107 0.60 11.20 6.89
C GLN A 107 -0.71 11.70 7.44
N TYR A 108 -0.91 11.49 8.75
CA TYR A 108 -2.14 11.91 9.41
C TYR A 108 -2.29 13.44 9.38
N ALA A 109 -1.23 14.13 9.80
CA ALA A 109 -1.17 15.59 9.74
C ALA A 109 -1.60 16.12 8.37
N HIS A 110 -1.03 15.52 7.35
CA HIS A 110 -1.20 15.97 5.98
C HIS A 110 -2.59 15.64 5.43
N ASP A 111 -3.08 14.43 5.66
CA ASP A 111 -4.40 14.05 5.16
C ASP A 111 -5.45 14.92 5.80
N LYS A 112 -5.19 15.27 7.06
CA LYS A 112 -6.13 16.04 7.86
C LYS A 112 -6.29 17.42 7.23
N ALA A 113 -5.16 18.06 6.92
CA ALA A 113 -5.17 19.35 6.26
C ALA A 113 -5.72 19.27 4.84
N MET A 114 -5.30 18.24 4.11
CA MET A 114 -5.73 18.07 2.72
C MET A 114 -7.24 17.96 2.65
N PHE A 115 -7.83 17.58 3.77
CA PHE A 115 -9.27 17.40 3.84
C PHE A 115 -9.98 18.73 4.00
N ASP A 116 -9.36 19.65 4.72
CA ASP A 116 -9.92 20.98 4.93
C ASP A 116 -10.31 21.62 3.60
N GLU A 117 -9.37 21.58 2.66
CA GLU A 117 -9.58 22.12 1.33
C GLU A 117 -10.95 21.76 0.77
N VAL A 118 -10.99 20.75 -0.08
CA VAL A 118 -12.23 20.42 -0.77
C VAL A 118 -13.35 20.04 0.19
N ASP A 119 -14.60 20.26 -0.24
CA ASP A 119 -15.77 20.05 0.62
C ASP A 119 -16.84 19.14 0.04
N SER A 120 -17.58 18.51 0.94
CA SER A 120 -18.61 17.54 0.59
C SER A 120 -19.43 17.19 1.84
N PRO A 121 -20.74 16.94 1.66
CA PRO A 121 -21.65 16.47 2.71
C PRO A 121 -21.23 15.09 3.24
N ARG A 122 -20.15 14.56 2.70
CA ARG A 122 -19.65 13.24 3.09
C ARG A 122 -18.65 13.34 4.24
N ARG A 123 -18.66 12.35 5.13
CA ARG A 123 -17.70 12.31 6.22
C ARG A 123 -16.28 12.03 5.71
N LYS A 124 -15.31 12.76 6.26
CA LYS A 124 -13.90 12.56 5.91
C LYS A 124 -13.08 12.37 7.17
N GLU A 125 -12.75 11.12 7.50
CA GLU A 125 -12.00 10.88 8.73
C GLU A 125 -10.67 10.19 8.48
N VAL A 126 -9.60 10.80 8.98
CA VAL A 126 -8.31 10.12 9.09
C VAL A 126 -7.97 9.89 10.57
N ARG A 127 -7.52 8.68 10.91
CA ARG A 127 -7.19 8.31 12.29
C ARG A 127 -5.80 7.72 12.41
N ILE A 128 -5.15 7.97 13.53
CA ILE A 128 -3.94 7.24 13.87
C ILE A 128 -4.37 5.97 14.62
N GLN A 129 -4.87 5.00 13.87
CA GLN A 129 -5.42 3.78 14.44
C GLN A 129 -4.96 2.58 13.61
N GLY A 130 -4.73 1.45 14.28
CA GLY A 130 -4.36 0.23 13.57
C GLY A 130 -5.59 -0.55 13.17
N TRP A 131 -5.44 -1.45 12.19
CA TRP A 131 -6.56 -2.27 11.81
C TRP A 131 -6.88 -3.18 12.99
N GLU A 132 -5.86 -3.43 13.81
CA GLU A 132 -6.02 -4.29 14.97
C GLU A 132 -7.00 -3.70 15.96
N GLU A 133 -7.15 -2.38 15.92
CA GLU A 133 -7.91 -1.68 16.92
C GLU A 133 -9.23 -1.16 16.38
N PHE A 134 -9.44 -1.31 15.07
CA PHE A 134 -10.64 -0.78 14.45
C PHE A 134 -11.81 -1.69 14.81
N ASP A 135 -12.99 -1.10 15.00
CA ASP A 135 -14.15 -1.88 15.41
C ASP A 135 -15.52 -1.32 15.02
N GLU A 136 -15.58 -0.51 13.98
CA GLU A 136 -16.85 -0.01 13.47
C GLU A 136 -17.28 -0.79 12.23
N PRO A 137 -18.58 -0.74 11.90
CA PRO A 137 -19.12 -1.34 10.67
C PRO A 137 -18.90 -0.48 9.44
N VAL A 138 -18.49 -1.11 8.34
CA VAL A 138 -18.26 -0.41 7.09
C VAL A 138 -18.82 -1.21 5.92
N ASP A 139 -19.03 -0.55 4.79
CA ASP A 139 -19.62 -1.19 3.61
C ASP A 139 -18.56 -1.84 2.72
N ARG A 140 -17.52 -1.08 2.41
CA ARG A 140 -16.45 -1.55 1.55
C ARG A 140 -15.10 -1.28 2.20
N ILE A 141 -14.08 -2.00 1.74
CA ILE A 141 -12.73 -1.84 2.28
C ILE A 141 -11.68 -1.79 1.17
N VAL A 142 -10.77 -0.83 1.29
CA VAL A 142 -9.65 -0.73 0.38
C VAL A 142 -8.35 -0.65 1.20
N SER A 143 -7.29 -1.23 0.65
CA SER A 143 -5.96 -1.13 1.24
C SER A 143 -4.96 -1.27 0.12
N LEU A 144 -4.24 -0.19 -0.14
CA LEU A 144 -3.23 -0.21 -1.18
C LEU A 144 -1.85 -0.08 -0.56
N GLY A 145 -1.01 -1.10 -0.75
CA GLY A 145 0.38 -1.03 -0.32
C GLY A 145 0.58 -0.80 1.16
N ALA A 146 -0.25 -1.44 1.96
CA ALA A 146 -0.07 -1.37 3.39
C ALA A 146 0.06 -2.79 3.92
N PHE A 147 -0.52 -3.73 3.17
CA PHE A 147 -0.63 -5.12 3.60
C PHE A 147 0.67 -5.79 4.02
N GLU A 148 1.78 -5.34 3.45
CA GLU A 148 3.08 -5.93 3.74
C GLU A 148 3.50 -5.63 5.18
N HIS A 149 2.67 -4.92 5.92
CA HIS A 149 2.96 -4.56 7.29
C HIS A 149 2.07 -5.28 8.30
N PHE A 150 1.07 -6.00 7.77
CA PHE A 150 0.07 -6.65 8.60
C PHE A 150 0.59 -7.91 9.29
N ALA A 151 1.56 -8.57 8.68
CA ALA A 151 2.21 -9.71 9.32
C ALA A 151 3.20 -9.20 10.36
N ASP A 152 3.36 -7.88 10.45
CA ASP A 152 4.21 -7.29 11.47
C ASP A 152 3.40 -6.78 12.68
N GLY A 153 4.05 -6.71 13.83
CA GLY A 153 3.41 -6.21 15.02
C GLY A 153 4.43 -5.74 16.04
N ALA A 154 3.97 -4.99 17.03
CA ALA A 154 4.82 -4.57 18.13
C ALA A 154 5.16 -5.78 18.98
N GLY A 155 6.04 -6.63 18.44
CA GLY A 155 6.48 -7.83 19.13
C GLY A 155 5.51 -8.98 19.10
N ASP A 156 4.74 -9.09 18.03
CA ASP A 156 3.82 -10.20 17.86
C ASP A 156 3.65 -10.50 16.37
N ALA A 157 4.71 -10.26 15.61
CA ALA A 157 4.69 -10.53 14.18
C ALA A 157 4.32 -11.99 13.90
N GLY A 158 3.91 -12.27 12.67
CA GLY A 158 3.55 -13.61 12.25
C GLY A 158 2.38 -13.62 11.28
N PHE A 159 2.47 -14.45 10.23
CA PHE A 159 1.42 -14.52 9.22
C PHE A 159 0.11 -14.99 9.81
N GLU A 160 0.21 -15.61 10.98
CA GLU A 160 -0.94 -16.00 11.77
C GLU A 160 -1.88 -14.79 11.99
N ARG A 161 -1.34 -13.58 11.81
CA ARG A 161 -2.08 -12.34 12.01
C ARG A 161 -3.13 -12.11 10.93
N TYR A 162 -2.83 -12.53 9.70
CA TYR A 162 -3.76 -12.44 8.59
C TYR A 162 -5.08 -13.08 8.96
N ASP A 163 -5.03 -14.04 9.86
CA ASP A 163 -6.21 -14.75 10.23
C ASP A 163 -7.18 -13.85 10.98
N THR A 164 -6.67 -13.15 11.97
CA THR A 164 -7.44 -12.18 12.72
C THR A 164 -8.00 -11.13 11.76
N PHE A 165 -7.13 -10.63 10.91
CA PHE A 165 -7.48 -9.62 9.91
C PHE A 165 -8.73 -9.97 9.11
N PHE A 166 -8.66 -11.02 8.32
CA PHE A 166 -9.76 -11.38 7.44
C PHE A 166 -11.04 -11.75 8.17
N LYS A 167 -10.91 -12.34 9.36
CA LYS A 167 -12.09 -12.71 10.11
C LYS A 167 -12.75 -11.44 10.65
N LYS A 168 -11.91 -10.49 11.08
CA LYS A 168 -12.38 -9.22 11.61
C LYS A 168 -13.27 -8.50 10.59
N PHE A 169 -12.69 -8.17 9.45
CA PHE A 169 -13.37 -7.35 8.47
C PHE A 169 -14.41 -8.12 7.65
N TYR A 170 -14.48 -9.42 7.88
CA TYR A 170 -15.58 -10.17 7.32
C TYR A 170 -16.78 -9.87 8.19
N ASN A 171 -16.51 -9.53 9.45
CA ASN A 171 -17.56 -9.35 10.40
C ASN A 171 -17.99 -7.90 10.56
N LEU A 172 -17.20 -6.98 10.02
CA LEU A 172 -17.56 -5.58 10.09
C LEU A 172 -18.29 -5.14 8.83
N THR A 173 -18.39 -6.04 7.85
CA THR A 173 -19.04 -5.71 6.58
C THR A 173 -20.35 -6.47 6.37
N PRO A 174 -21.30 -5.84 5.67
CA PRO A 174 -22.59 -6.44 5.29
C PRO A 174 -22.40 -7.69 4.43
N ASP A 175 -23.50 -8.28 3.98
CA ASP A 175 -23.43 -9.54 3.26
C ASP A 175 -22.99 -9.38 1.82
N ASP A 176 -23.11 -8.15 1.31
CA ASP A 176 -22.62 -7.83 -0.02
C ASP A 176 -21.27 -7.14 0.10
N GLY A 177 -20.65 -7.29 1.27
CA GLY A 177 -19.37 -6.66 1.55
C GLY A 177 -18.26 -7.10 0.62
N ARG A 178 -17.39 -6.15 0.27
CA ARG A 178 -16.29 -6.41 -0.65
C ARG A 178 -14.99 -5.78 -0.15
N MET A 179 -13.87 -6.43 -0.47
CA MET A 179 -12.56 -5.93 -0.08
C MET A 179 -11.56 -5.99 -1.23
N LEU A 180 -10.95 -4.86 -1.53
CA LEU A 180 -9.92 -4.83 -2.55
C LEU A 180 -8.58 -4.76 -1.85
N LEU A 181 -7.90 -5.90 -1.80
CA LEU A 181 -6.60 -6.00 -1.15
C LEU A 181 -5.49 -5.88 -2.19
N HIS A 182 -4.72 -4.80 -2.10
CA HIS A 182 -3.68 -4.51 -3.06
C HIS A 182 -2.36 -4.57 -2.33
N THR A 183 -1.47 -5.42 -2.82
CA THR A 183 -0.25 -5.74 -2.08
C THR A 183 0.86 -6.30 -2.95
N ILE A 184 2.09 -5.99 -2.58
CA ILE A 184 3.25 -6.65 -3.16
C ILE A 184 3.24 -8.12 -2.73
N THR A 185 3.63 -9.02 -3.62
CA THR A 185 3.67 -10.44 -3.27
C THR A 185 4.96 -11.08 -3.73
N ILE A 186 5.16 -12.33 -3.34
CA ILE A 186 6.28 -13.11 -3.83
C ILE A 186 5.77 -14.46 -4.28
N PRO A 187 6.45 -15.05 -5.28
CA PRO A 187 6.03 -16.26 -5.99
C PRO A 187 5.92 -17.48 -5.07
N ASP A 188 4.94 -18.33 -5.36
CA ASP A 188 4.83 -19.60 -4.68
C ASP A 188 5.83 -20.59 -5.27
N LYS A 189 6.41 -21.40 -4.40
CA LYS A 189 7.26 -22.54 -4.78
C LYS A 189 7.15 -22.93 -6.25
N GLU A 190 6.02 -23.51 -6.62
CA GLU A 190 5.82 -23.98 -7.99
C GLU A 190 6.15 -22.90 -9.02
N GLU A 191 5.65 -21.70 -8.77
CA GLU A 191 5.77 -20.60 -9.72
C GLU A 191 7.16 -19.97 -9.78
N ALA A 192 7.83 -19.91 -8.63
CA ALA A 192 9.21 -19.43 -8.61
C ALA A 192 10.08 -20.33 -9.46
N GLN A 193 10.00 -21.63 -9.21
CA GLN A 193 10.75 -22.62 -9.99
C GLN A 193 10.46 -22.40 -11.46
N GLU A 194 9.19 -22.25 -11.79
CA GLU A 194 8.74 -22.14 -13.17
C GLU A 194 9.28 -20.87 -13.83
N LEU A 195 9.46 -19.83 -13.02
CA LEU A 195 10.02 -18.58 -13.50
C LEU A 195 11.54 -18.69 -13.69
N GLY A 196 12.15 -19.68 -13.04
CA GLY A 196 13.60 -19.83 -13.07
C GLY A 196 14.28 -18.87 -12.14
N LEU A 197 13.58 -18.48 -11.08
CA LEU A 197 14.11 -17.51 -10.13
C LEU A 197 15.32 -18.03 -9.38
N THR A 198 16.23 -17.11 -9.07
CA THR A 198 17.48 -17.44 -8.40
C THR A 198 17.88 -16.28 -7.50
N SER A 199 18.56 -16.58 -6.40
CA SER A 199 18.90 -15.55 -5.43
C SER A 199 20.41 -15.37 -5.24
N PRO A 200 21.08 -14.63 -6.16
CA PRO A 200 22.53 -14.39 -6.06
C PRO A 200 22.85 -13.72 -4.74
N MET A 201 24.12 -13.50 -4.45
CA MET A 201 24.48 -12.89 -3.18
C MET A 201 24.09 -11.42 -3.14
N SER A 202 24.23 -10.77 -4.29
CA SER A 202 23.84 -9.37 -4.42
C SER A 202 22.40 -9.16 -4.00
N LEU A 203 21.52 -10.05 -4.45
CA LEU A 203 20.11 -9.96 -4.07
C LEU A 203 19.89 -10.11 -2.57
N LEU A 204 20.52 -11.12 -2.00
CA LEU A 204 20.43 -11.36 -0.56
C LEU A 204 20.91 -10.15 0.24
N ARG A 205 22.03 -9.55 -0.19
CA ARG A 205 22.52 -8.33 0.42
C ARG A 205 21.47 -7.21 0.33
N PHE A 206 20.75 -7.19 -0.79
CA PHE A 206 19.79 -6.12 -1.02
C PHE A 206 18.58 -6.22 -0.10
N ILE A 207 18.00 -7.42 -0.04
CA ILE A 207 16.87 -7.62 0.82
C ILE A 207 17.25 -7.23 2.24
N LYS A 208 18.41 -7.70 2.66
CA LYS A 208 18.91 -7.36 3.98
C LYS A 208 18.91 -5.84 4.10
N PHE A 209 19.47 -5.16 3.11
CA PHE A 209 19.49 -3.70 3.11
C PHE A 209 18.07 -3.14 3.24
N ILE A 210 17.14 -3.74 2.50
CA ILE A 210 15.76 -3.28 2.55
C ILE A 210 15.15 -3.45 3.92
N LEU A 211 15.28 -4.65 4.48
CA LEU A 211 14.69 -4.96 5.77
C LEU A 211 15.44 -4.27 6.88
N THR A 212 16.59 -3.70 6.54
CA THR A 212 17.40 -3.05 7.53
C THR A 212 17.19 -1.54 7.47
N GLU A 213 17.33 -0.94 6.30
CA GLU A 213 17.30 0.50 6.18
C GLU A 213 15.95 1.08 5.76
N ILE A 214 15.09 0.27 5.17
CA ILE A 214 13.86 0.81 4.61
C ILE A 214 12.59 0.33 5.32
N PHE A 215 12.29 -0.96 5.22
CA PHE A 215 11.04 -1.49 5.76
C PHE A 215 11.24 -2.58 6.80
N PRO A 216 11.69 -2.18 7.99
CA PRO A 216 11.91 -3.10 9.11
C PRO A 216 10.67 -3.91 9.41
N GLY A 217 10.81 -5.24 9.47
CA GLY A 217 9.70 -6.08 9.88
C GLY A 217 8.69 -6.37 8.79
N GLY A 218 8.85 -5.72 7.64
CA GLY A 218 7.99 -5.97 6.50
C GLY A 218 8.00 -7.44 6.11
N ARG A 219 6.84 -7.95 5.70
CA ARG A 219 6.68 -9.35 5.29
C ARG A 219 5.81 -9.43 4.04
N LEU A 220 6.35 -10.05 3.00
CA LEU A 220 5.64 -10.21 1.74
C LEU A 220 4.89 -11.52 1.68
N PRO A 221 3.60 -11.47 1.31
CA PRO A 221 2.78 -12.67 1.28
C PRO A 221 2.95 -13.45 -0.02
N ARG A 222 2.61 -14.73 0.02
CA ARG A 222 2.47 -15.53 -1.18
C ARG A 222 0.98 -15.59 -1.39
N ILE A 223 0.56 -15.58 -2.65
CA ILE A 223 -0.86 -15.63 -2.97
C ILE A 223 -1.58 -16.71 -2.15
N SER A 224 -0.98 -17.88 -2.03
CA SER A 224 -1.63 -18.97 -1.31
C SER A 224 -1.88 -18.63 0.17
N GLN A 225 -1.07 -17.73 0.71
CA GLN A 225 -1.27 -17.29 2.10
C GLN A 225 -2.54 -16.46 2.18
N VAL A 226 -2.68 -15.52 1.26
CA VAL A 226 -3.88 -14.70 1.18
C VAL A 226 -5.12 -15.54 0.98
N ASP A 227 -5.04 -16.53 0.09
CA ASP A 227 -6.11 -17.50 -0.07
C ASP A 227 -6.46 -18.16 1.24
N TYR A 228 -5.47 -18.83 1.84
CA TYR A 228 -5.71 -19.66 3.00
C TYR A 228 -6.46 -18.89 4.09
N TYR A 229 -5.92 -17.75 4.48
CA TYR A 229 -6.49 -17.01 5.60
C TYR A 229 -7.80 -16.31 5.24
N SER A 230 -7.91 -15.85 4.01
CA SER A 230 -9.10 -15.15 3.59
C SER A 230 -10.29 -16.11 3.56
N SER A 231 -10.11 -17.24 2.88
CA SER A 231 -11.17 -18.23 2.75
C SER A 231 -11.51 -18.83 4.11
N ASN A 232 -10.52 -18.92 4.98
CA ASN A 232 -10.79 -19.39 6.32
C ASN A 232 -11.80 -18.51 7.03
N ALA A 233 -11.89 -17.25 6.59
CA ALA A 233 -12.81 -16.28 7.20
C ALA A 233 -14.15 -16.26 6.49
N GLY A 234 -14.17 -16.78 5.26
CA GLY A 234 -15.39 -16.86 4.48
C GLY A 234 -15.33 -16.04 3.21
N TRP A 235 -14.18 -15.45 2.94
CA TRP A 235 -14.01 -14.63 1.75
C TRP A 235 -13.80 -15.51 0.53
N LYS A 236 -14.15 -14.97 -0.63
CA LYS A 236 -13.85 -15.60 -1.91
C LYS A 236 -13.14 -14.57 -2.76
N VAL A 237 -12.17 -15.00 -3.55
CA VAL A 237 -11.47 -14.09 -4.42
C VAL A 237 -12.11 -14.07 -5.79
N GLU A 238 -12.82 -12.99 -6.10
CA GLU A 238 -13.51 -12.87 -7.38
C GLU A 238 -12.51 -12.57 -8.51
N ARG A 239 -11.35 -12.06 -8.17
CA ARG A 239 -10.31 -11.83 -9.16
C ARG A 239 -8.90 -11.67 -8.56
N TYR A 240 -7.93 -12.29 -9.22
CA TYR A 240 -6.53 -12.02 -8.93
C TYR A 240 -6.00 -11.16 -10.06
N HIS A 241 -5.84 -9.87 -9.81
CA HIS A 241 -5.31 -9.02 -10.84
C HIS A 241 -3.84 -8.76 -10.56
N ARG A 242 -2.98 -9.46 -11.29
CA ARG A 242 -1.54 -9.32 -11.14
C ARG A 242 -1.07 -8.16 -12.00
N ILE A 243 -0.41 -7.18 -11.39
CA ILE A 243 -0.08 -5.93 -12.08
C ILE A 243 1.28 -5.41 -11.67
N GLY A 244 2.16 -6.31 -11.24
CA GLY A 244 3.42 -5.90 -10.66
C GLY A 244 4.39 -5.30 -11.65
N ALA A 245 4.16 -5.50 -12.95
CA ALA A 245 5.07 -4.99 -13.97
C ALA A 245 5.07 -3.48 -14.00
N ASN A 246 3.99 -2.90 -13.49
CA ASN A 246 3.83 -1.46 -13.47
C ASN A 246 4.73 -0.76 -12.48
N TYR A 247 5.34 -1.55 -11.60
CA TYR A 247 6.11 -0.97 -10.51
C TYR A 247 7.46 -0.50 -11.01
N VAL A 248 7.85 -0.98 -12.19
CA VAL A 248 9.11 -0.58 -12.79
C VAL A 248 9.04 0.89 -13.23
N PRO A 249 8.04 1.23 -14.07
CA PRO A 249 7.84 2.63 -14.46
C PRO A 249 7.68 3.51 -13.23
N THR A 250 6.81 3.08 -12.32
CA THR A 250 6.62 3.76 -11.03
C THR A 250 7.96 4.01 -10.33
N LEU A 251 8.70 2.95 -10.05
CA LEU A 251 9.91 3.09 -9.25
C LEU A 251 10.99 3.89 -9.95
N ASN A 252 11.04 3.80 -11.26
CA ASN A 252 12.04 4.55 -11.99
C ASN A 252 11.70 6.01 -11.94
N ALA A 253 10.41 6.30 -12.12
CA ALA A 253 9.88 7.64 -12.00
C ALA A 253 10.28 8.25 -10.66
N TRP A 254 10.03 7.53 -9.56
CA TRP A 254 10.38 8.02 -8.24
C TRP A 254 11.87 8.27 -8.14
N ALA A 255 12.66 7.29 -8.59
CA ALA A 255 14.11 7.38 -8.52
C ALA A 255 14.59 8.61 -9.29
N ASP A 256 14.11 8.73 -10.52
CA ASP A 256 14.47 9.86 -11.37
C ASP A 256 14.14 11.21 -10.72
N ALA A 257 12.91 11.36 -10.24
CA ALA A 257 12.50 12.58 -9.54
C ALA A 257 13.38 12.88 -8.36
N LEU A 258 13.69 11.87 -7.56
CA LEU A 258 14.57 12.09 -6.42
C LEU A 258 15.92 12.59 -6.88
N GLN A 259 16.45 11.97 -7.93
CA GLN A 259 17.75 12.37 -8.44
C GLN A 259 17.68 13.81 -8.91
N ALA A 260 16.66 14.10 -9.72
CA ALA A 260 16.37 15.47 -10.16
C ALA A 260 16.42 16.47 -9.00
N HIS A 261 15.89 16.09 -7.85
CA HIS A 261 15.91 16.98 -6.69
C HIS A 261 17.06 16.66 -5.74
N LYS A 262 18.10 16.02 -6.25
CA LYS A 262 19.21 15.58 -5.41
C LYS A 262 19.67 16.63 -4.42
N ASP A 263 19.74 17.88 -4.87
CA ASP A 263 20.33 18.94 -4.07
C ASP A 263 19.38 19.48 -3.01
N GLU A 264 18.10 19.52 -3.36
CA GLU A 264 17.05 19.87 -2.42
C GLU A 264 17.02 18.80 -1.32
N ALA A 265 17.11 17.54 -1.77
CA ALA A 265 16.98 16.38 -0.90
C ALA A 265 18.16 16.24 0.05
N ILE A 266 19.36 16.47 -0.47
CA ILE A 266 20.54 16.39 0.39
C ILE A 266 20.47 17.52 1.39
N ALA A 267 20.00 18.68 0.93
CA ALA A 267 19.80 19.83 1.79
C ALA A 267 18.82 19.49 2.91
N LEU A 268 17.76 18.78 2.57
CA LEU A 268 16.67 18.50 3.50
C LEU A 268 17.01 17.43 4.56
N LYS A 269 17.18 16.17 4.15
CA LYS A 269 17.38 15.08 5.11
C LYS A 269 18.77 14.44 5.07
N GLY A 270 19.68 14.96 4.24
CA GLY A 270 21.06 14.55 4.31
C GLY A 270 21.62 13.74 3.16
N GLN A 271 22.95 13.63 3.11
CA GLN A 271 23.64 12.93 2.04
C GLN A 271 23.29 11.46 2.02
N GLU A 272 23.49 10.81 3.17
CA GLU A 272 23.27 9.38 3.28
C GLU A 272 21.88 8.97 2.80
N THR A 273 20.88 9.74 3.20
CA THR A 273 19.52 9.39 2.82
C THR A 273 19.27 9.43 1.31
N CYS A 274 19.91 10.35 0.58
CA CYS A 274 19.78 10.37 -0.89
C CYS A 274 20.31 9.05 -1.40
N ASP A 275 21.46 8.65 -0.87
CA ASP A 275 22.14 7.43 -1.28
C ASP A 275 21.27 6.23 -0.96
N ILE A 276 20.82 6.17 0.29
CA ILE A 276 20.00 5.07 0.75
C ILE A 276 18.77 4.91 -0.13
N TYR A 277 18.06 6.00 -0.37
CA TYR A 277 16.79 5.92 -1.10
C TYR A 277 16.97 5.73 -2.60
N MET A 278 18.02 6.33 -3.16
CA MET A 278 18.33 6.04 -4.56
C MET A 278 18.62 4.55 -4.71
N HIS A 279 19.52 4.06 -3.86
CA HIS A 279 19.84 2.62 -3.84
C HIS A 279 18.58 1.78 -3.67
N TYR A 280 17.76 2.14 -2.69
CA TYR A 280 16.47 1.50 -2.47
C TYR A 280 15.58 1.46 -3.73
N LEU A 281 15.36 2.63 -4.32
CA LEU A 281 14.44 2.78 -5.45
C LEU A 281 14.92 2.11 -6.73
N ARG A 282 16.17 2.39 -7.10
CA ARG A 282 16.78 1.73 -8.24
C ARG A 282 16.69 0.22 -8.07
N GLY A 283 17.13 -0.24 -6.90
CA GLY A 283 17.21 -1.66 -6.61
C GLY A 283 15.88 -2.38 -6.71
N CYS A 284 14.86 -1.82 -6.07
CA CYS A 284 13.54 -2.45 -6.07
C CYS A 284 12.94 -2.58 -7.46
N SER A 285 13.22 -1.59 -8.31
CA SER A 285 12.77 -1.64 -9.69
C SER A 285 13.10 -2.99 -10.33
N ASP A 286 14.35 -3.41 -10.15
CA ASP A 286 14.83 -4.65 -10.76
C ASP A 286 14.10 -5.85 -10.22
N LEU A 287 13.77 -5.82 -8.93
CA LEU A 287 13.03 -6.91 -8.32
C LEU A 287 11.77 -7.23 -9.12
N PHE A 288 11.05 -6.19 -9.53
CA PHE A 288 9.83 -6.38 -10.28
C PHE A 288 10.11 -6.63 -11.76
N ARG A 289 11.17 -6.01 -12.28
CA ARG A 289 11.60 -6.27 -13.65
C ARG A 289 11.83 -7.77 -13.80
N ASP A 290 12.48 -8.36 -12.80
CA ASP A 290 12.89 -9.77 -12.83
C ASP A 290 11.80 -10.72 -12.37
N LYS A 291 10.65 -10.18 -12.04
CA LYS A 291 9.53 -11.01 -11.61
C LYS A 291 9.86 -11.74 -10.31
N TYR A 292 10.85 -11.22 -9.60
CA TYR A 292 11.18 -11.72 -8.29
C TYR A 292 10.06 -11.40 -7.31
N THR A 293 9.53 -10.19 -7.43
CA THR A 293 8.36 -9.77 -6.68
C THR A 293 7.24 -9.42 -7.64
N ASP A 294 6.02 -9.38 -7.13
CA ASP A 294 4.87 -8.98 -7.96
C ASP A 294 3.96 -8.05 -7.15
N VAL A 295 2.94 -7.52 -7.81
CA VAL A 295 1.85 -6.82 -7.13
C VAL A 295 0.54 -7.48 -7.53
N CYS A 296 -0.31 -7.77 -6.56
CA CYS A 296 -1.60 -8.37 -6.87
C CYS A 296 -2.75 -7.64 -6.20
N GLN A 297 -3.87 -7.55 -6.91
CA GLN A 297 -5.06 -6.94 -6.37
C GLN A 297 -6.14 -7.99 -6.24
N PHE A 298 -6.43 -8.37 -5.01
CA PHE A 298 -7.46 -9.36 -4.75
C PHE A 298 -8.78 -8.66 -4.61
N THR A 299 -9.75 -9.07 -5.41
CA THR A 299 -11.13 -8.68 -5.17
C THR A 299 -11.74 -9.76 -4.30
N LEU A 300 -12.08 -9.40 -3.07
CA LEU A 300 -12.61 -10.34 -2.12
C LEU A 300 -14.09 -10.08 -1.91
N VAL A 301 -14.88 -11.15 -1.93
CA VAL A 301 -16.31 -11.03 -1.80
C VAL A 301 -16.84 -12.12 -0.89
N LYS A 302 -18.13 -12.12 -0.63
CA LYS A 302 -18.74 -13.17 0.19
C LYS A 302 -19.72 -14.01 -0.63
#